data_7VDU
#
_entry.id   7VDU
#
_cell.length_a   53.851
_cell.length_b   73.035
_cell.length_c   70.731
_cell.angle_alpha   90.000
_cell.angle_beta   90.000
_cell.angle_gamma   90.000
#
_symmetry.space_group_name_H-M   'P 21 21 21'
#
loop_
_entity.id
_entity.type
_entity.pdbx_description
1 polymer 'Cyclin-dependent kinase 2'
2 non-polymer [1-[3-fluoranyl-4-[(2-piperidin-4-yloxy-1,6-naphthyridin-7-yl)amino]phenyl]pyrazol-3-yl]methanol
3 water water
#
_entity_poly.entity_id   1
_entity_poly.type   'polypeptide(L)'
_entity_poly.pdbx_seq_one_letter_code
;GAMENFQKVEKIGEGTYGVVYKARNKLTGEVVAL(KCX)KIRLDTETEGVPSTAIREISLLKELNHPNIVKLLDVIHTEN
KLYLVFEFLHQDLKKFMDASALTGIPLPLIKSYLFQLLQGLAFCHSHRVLHRDLKPQNLLINTEGAIKLADFGLARAFGV
PVRTYTHEVVTLWYRAPEILLGCKYYSTAVDIWSLGCIFAEMVTRRALFPGDSEIDQLFRIFRTLGTPDEVVWPGVTSMP
DYKPSFPKWARQDFSKVVPPLDEDGRSLLSQMLHYDPNKRISAKAALAHPFFQDVTKPVPHLRL
;
_entity_poly.pdbx_strand_id   A
#
loop_
_chem_comp.id
_chem_comp.type
_chem_comp.name
_chem_comp.formula
65L non-polymer [1-[3-fluoranyl-4-[(2-piperidin-4-yloxy-1,6-naphthyridin-7-yl)amino]phenyl]pyrazol-3-yl]methanol 'C23 H23 F N6 O2'
#
# COMPACT_ATOMS: atom_id res chain seq x y z
N GLY A 1 24.53 -8.96 -23.85
CA GLY A 1 24.50 -9.13 -22.37
C GLY A 1 23.28 -9.87 -21.84
N ALA A 2 22.96 -9.63 -20.57
CA ALA A 2 21.80 -10.25 -19.89
C ALA A 2 20.44 -9.86 -20.50
N MET A 3 20.29 -8.59 -20.88
CA MET A 3 19.02 -8.02 -21.39
C MET A 3 18.65 -8.31 -22.86
N GLU A 4 19.53 -8.97 -23.60
CA GLU A 4 19.18 -9.49 -24.94
C GLU A 4 18.15 -10.64 -24.88
N ASN A 5 17.99 -11.26 -23.71
CA ASN A 5 16.93 -12.25 -23.44
C ASN A 5 15.51 -11.68 -23.30
N PHE A 6 15.36 -10.36 -23.12
CA PHE A 6 14.05 -9.71 -22.99
C PHE A 6 13.74 -8.75 -24.15
N GLN A 7 12.60 -8.98 -24.80
CA GLN A 7 12.06 -8.12 -25.86
C GLN A 7 11.06 -7.16 -25.20
N LYS A 8 11.29 -5.85 -25.30
CA LYS A 8 10.35 -4.83 -24.81
C LYS A 8 9.10 -4.80 -25.71
N VAL A 9 7.92 -4.84 -25.10
CA VAL A 9 6.62 -4.82 -25.81
C VAL A 9 6.04 -3.41 -25.76
N GLU A 10 5.80 -2.92 -24.54
CA GLU A 10 5.28 -1.56 -24.31
C GLU A 10 5.65 -1.04 -22.93
N LYS A 11 5.61 0.29 -22.79
CA LYS A 11 5.79 0.95 -21.51
C LYS A 11 4.53 0.80 -20.67
N ILE A 12 4.68 0.33 -19.43
CA ILE A 12 3.60 0.22 -18.46
C ILE A 12 3.48 1.56 -17.74
N GLY A 13 4.55 1.94 -17.07
CA GLY A 13 4.55 3.14 -16.28
C GLY A 13 5.89 3.47 -15.64
N GLU A 14 5.84 4.44 -14.74
CA GLU A 14 7.00 5.00 -14.07
C GLU A 14 6.81 4.81 -12.57
N GLY A 15 7.69 4.01 -11.96
CA GLY A 15 7.66 3.80 -10.52
C GLY A 15 8.41 4.85 -9.73
N THR A 16 8.62 4.55 -8.45
CA THR A 16 9.42 5.40 -7.55
C THR A 16 10.90 5.45 -7.97
N TYR A 17 11.44 4.28 -8.30
CA TYR A 17 12.87 4.07 -8.55
C TYR A 17 13.23 3.94 -10.03
N GLY A 18 12.32 3.42 -10.84
CA GLY A 18 12.56 3.28 -12.27
C GLY A 18 11.35 2.95 -13.13
N VAL A 19 11.62 2.92 -14.42
CA VAL A 19 10.61 2.67 -15.46
C VAL A 19 10.23 1.19 -15.46
N VAL A 20 8.96 0.91 -15.77
CA VAL A 20 8.42 -0.45 -15.86
C VAL A 20 7.93 -0.67 -17.29
N TYR A 21 8.39 -1.76 -17.91
CA TYR A 21 8.00 -2.16 -19.27
C TYR A 21 7.32 -3.52 -19.24
N LYS A 22 6.33 -3.72 -20.11
CA LYS A 22 5.90 -5.08 -20.47
C LYS A 22 6.96 -5.66 -21.40
N ALA A 23 7.36 -6.91 -21.14
CA ALA A 23 8.41 -7.57 -21.92
C ALA A 23 8.17 -9.06 -22.10
N ARG A 24 8.81 -9.62 -23.13
CA ARG A 24 8.78 -11.04 -23.46
C ARG A 24 10.15 -11.62 -23.21
N ASN A 25 10.23 -12.63 -22.33
CA ASN A 25 11.45 -13.42 -22.16
C ASN A 25 11.56 -14.36 -23.37
N LYS A 26 12.65 -14.21 -24.11
CA LYS A 26 12.86 -14.96 -25.35
C LYS A 26 13.20 -16.44 -25.14
N LEU A 27 13.90 -16.76 -24.04
CA LEU A 27 14.31 -18.15 -23.74
C LEU A 27 13.16 -19.00 -23.17
N THR A 28 12.41 -18.44 -22.22
CA THR A 28 11.26 -19.13 -21.59
C THR A 28 9.90 -18.89 -22.27
N GLY A 29 9.78 -17.80 -23.03
CA GLY A 29 8.50 -17.37 -23.61
C GLY A 29 7.56 -16.61 -22.68
N GLU A 30 7.96 -16.39 -21.41
CA GLU A 30 7.10 -15.74 -20.41
C GLU A 30 6.93 -14.25 -20.73
N VAL A 31 5.72 -13.76 -20.45
CA VAL A 31 5.40 -12.32 -20.50
C VAL A 31 5.58 -11.80 -19.08
N VAL A 32 6.35 -10.72 -18.92
CA VAL A 32 6.75 -10.18 -17.62
C VAL A 32 6.61 -8.65 -17.57
N ALA A 33 6.65 -8.12 -16.35
CA ALA A 33 6.82 -6.68 -16.10
C ALA A 33 8.26 -6.48 -15.64
N LEU A 34 9.01 -5.68 -16.39
CA LEU A 34 10.44 -5.49 -16.17
C LEU A 34 10.66 -4.08 -15.65
N KCX A 35 11.17 -3.97 -14.40
CA KCX A 35 11.54 -2.69 -13.80
CB KCX A 35 11.20 -2.63 -12.31
CG KCX A 35 11.59 -1.29 -11.68
CD KCX A 35 11.09 -1.13 -10.25
CE KCX A 35 9.63 -0.74 -10.22
NZ KCX A 35 9.21 -0.17 -8.97
C KCX A 35 13.02 -2.50 -13.99
O KCX A 35 13.80 -3.35 -13.61
CX KCX A 35 9.47 1.09 -8.59
OQ1 KCX A 35 9.00 1.52 -7.43
OQ2 KCX A 35 10.15 1.88 -9.23
N LYS A 36 13.41 -1.35 -14.57
CA LYS A 36 14.82 -0.97 -14.79
C LYS A 36 15.15 0.20 -13.87
N ILE A 37 16.05 -0.01 -12.90
CA ILE A 37 16.49 1.02 -11.94
C ILE A 37 17.93 1.39 -12.29
N ARG A 38 18.19 2.69 -12.50
CA ARG A 38 19.56 3.19 -12.70
C ARG A 38 20.28 3.28 -11.35
N LEU A 39 21.37 2.52 -11.20
CA LEU A 39 22.24 2.56 -10.01
C LEU A 39 23.43 3.48 -10.28
N PRO A 47 24.89 -0.22 -4.92
CA PRO A 47 24.89 -0.33 -3.47
C PRO A 47 24.73 -1.79 -3.02
N SER A 48 25.74 -2.31 -2.30
CA SER A 48 25.83 -3.74 -1.96
C SER A 48 24.74 -4.25 -1.00
N THR A 49 24.40 -3.44 -0.01
CA THR A 49 23.32 -3.74 0.96
C THR A 49 21.93 -3.85 0.31
N ALA A 50 21.64 -2.92 -0.61
CA ALA A 50 20.40 -2.94 -1.42
C ALA A 50 20.24 -4.22 -2.26
N ILE A 51 21.33 -4.64 -2.92
CA ILE A 51 21.34 -5.87 -3.76
C ILE A 51 21.01 -7.12 -2.92
N ARG A 52 21.63 -7.25 -1.74
CA ARG A 52 21.35 -8.35 -0.81
C ARG A 52 19.88 -8.37 -0.36
N GLU A 53 19.41 -7.22 0.12
CA GLU A 53 18.03 -7.07 0.61
C GLU A 53 16.95 -7.33 -0.44
N ILE A 54 17.19 -6.84 -1.66
N ILE A 54 17.18 -6.84 -1.66
CA ILE A 54 16.27 -7.08 -2.79
CA ILE A 54 16.26 -7.07 -2.78
C ILE A 54 16.31 -8.51 -3.30
C ILE A 54 16.30 -8.51 -3.31
N SER A 55 17.50 -9.12 -3.32
CA SER A 55 17.66 -10.54 -3.71
C SER A 55 16.91 -11.52 -2.78
N LEU A 56 16.88 -11.21 -1.48
CA LEU A 56 16.06 -11.96 -0.49
C LEU A 56 14.55 -11.97 -0.78
N LEU A 57 14.03 -10.92 -1.42
CA LEU A 57 12.60 -10.84 -1.80
C LEU A 57 12.15 -11.89 -2.83
N LYS A 58 13.09 -12.49 -3.56
CA LYS A 58 12.81 -13.70 -4.37
C LYS A 58 12.21 -14.90 -3.60
N GLU A 59 12.52 -15.00 -2.30
N GLU A 59 12.52 -15.00 -2.30
CA GLU A 59 11.95 -16.01 -1.40
CA GLU A 59 11.95 -16.01 -1.40
C GLU A 59 10.62 -15.62 -0.74
C GLU A 59 10.61 -15.62 -0.76
N LEU A 60 10.27 -14.33 -0.76
CA LEU A 60 9.04 -13.80 -0.13
C LEU A 60 7.84 -13.99 -1.04
N ASN A 61 7.39 -15.24 -1.14
CA ASN A 61 6.38 -15.66 -2.13
C ASN A 61 5.03 -15.97 -1.49
N HIS A 62 3.97 -15.39 -2.06
CA HIS A 62 2.60 -15.57 -1.56
C HIS A 62 1.63 -15.23 -2.71
N PRO A 63 0.44 -15.89 -2.78
CA PRO A 63 -0.48 -15.62 -3.91
C PRO A 63 -0.96 -14.16 -4.08
N ASN A 64 -1.02 -13.43 -2.98
CA ASN A 64 -1.31 -11.98 -2.93
C ASN A 64 -0.11 -11.01 -2.92
N ILE A 65 1.07 -11.49 -3.28
CA ILE A 65 2.26 -10.67 -3.48
C ILE A 65 2.70 -10.87 -4.92
N VAL A 66 2.93 -9.76 -5.63
CA VAL A 66 3.41 -9.79 -7.00
C VAL A 66 4.76 -10.55 -7.02
N LYS A 67 4.78 -11.67 -7.75
CA LYS A 67 5.92 -12.57 -7.85
C LYS A 67 7.16 -11.85 -8.43
N LEU A 68 8.25 -11.84 -7.66
CA LEU A 68 9.57 -11.37 -8.14
C LEU A 68 10.28 -12.57 -8.73
N LEU A 69 10.33 -12.62 -10.06
CA LEU A 69 10.86 -13.78 -10.80
C LEU A 69 12.38 -13.81 -10.80
N ASP A 70 13.00 -12.64 -10.98
CA ASP A 70 14.46 -12.52 -10.97
C ASP A 70 14.95 -11.10 -10.66
N VAL A 71 16.22 -11.06 -10.26
CA VAL A 71 16.95 -9.85 -9.94
C VAL A 71 18.24 -9.93 -10.74
N ILE A 72 18.45 -8.96 -11.63
CA ILE A 72 19.62 -8.93 -12.52
C ILE A 72 20.36 -7.62 -12.26
N HIS A 73 21.58 -7.73 -11.75
CA HIS A 73 22.47 -6.58 -11.53
C HIS A 73 23.52 -6.58 -12.65
N THR A 74 23.43 -5.61 -13.56
CA THR A 74 24.38 -5.49 -14.69
C THR A 74 24.44 -4.07 -15.27
N GLU A 75 25.63 -3.67 -15.74
CA GLU A 75 25.85 -2.40 -16.46
C GLU A 75 25.34 -1.14 -15.72
N ASN A 76 25.68 -1.07 -14.42
CA ASN A 76 25.23 0.00 -13.50
C ASN A 76 23.69 0.16 -13.41
N LYS A 77 22.98 -0.96 -13.53
CA LYS A 77 21.51 -1.01 -13.48
C LYS A 77 21.06 -2.24 -12.70
N LEU A 78 19.91 -2.12 -12.06
CA LEU A 78 19.26 -3.23 -11.39
C LEU A 78 17.94 -3.46 -12.10
N TYR A 79 17.75 -4.68 -12.63
CA TYR A 79 16.49 -5.08 -13.25
C TYR A 79 15.76 -6.01 -12.32
N LEU A 80 14.48 -5.71 -12.08
CA LEU A 80 13.60 -6.59 -11.31
C LEU A 80 12.57 -7.11 -12.28
N VAL A 81 12.50 -8.43 -12.42
CA VAL A 81 11.58 -9.11 -13.33
C VAL A 81 10.39 -9.59 -12.48
N PHE A 82 9.21 -9.06 -12.77
CA PHE A 82 7.97 -9.35 -12.03
C PHE A 82 6.99 -10.11 -12.90
N GLU A 83 6.07 -10.86 -12.27
CA GLU A 83 4.92 -11.40 -13.01
C GLU A 83 4.11 -10.23 -13.57
N PHE A 84 3.41 -10.47 -14.68
CA PHE A 84 2.61 -9.47 -15.34
C PHE A 84 1.15 -9.60 -14.90
N LEU A 85 0.53 -8.47 -14.57
CA LEU A 85 -0.90 -8.41 -14.26
C LEU A 85 -1.61 -7.42 -15.17
N HIS A 86 -2.94 -7.46 -15.16
CA HIS A 86 -3.80 -6.74 -16.12
C HIS A 86 -3.76 -5.22 -15.92
N GLN A 87 -3.97 -4.79 -14.69
CA GLN A 87 -4.05 -3.35 -14.36
C GLN A 87 -3.91 -3.11 -12.86
N ASP A 88 -3.88 -1.83 -12.46
CA ASP A 88 -3.87 -1.45 -11.04
C ASP A 88 -5.25 -1.05 -10.52
N LEU A 89 -5.34 -1.00 -9.18
CA LEU A 89 -6.59 -0.62 -8.51
C LEU A 89 -6.98 0.84 -8.76
N LYS A 90 -5.99 1.71 -8.99
CA LYS A 90 -6.26 3.13 -9.30
C LYS A 90 -7.12 3.28 -10.55
N LYS A 91 -6.71 2.59 -11.62
CA LYS A 91 -7.48 2.56 -12.88
C LYS A 91 -8.88 1.98 -12.70
N PHE A 92 -8.98 0.89 -11.92
CA PHE A 92 -10.28 0.26 -11.63
C PHE A 92 -11.21 1.18 -10.84
N MET A 93 -10.66 1.89 -9.86
CA MET A 93 -11.43 2.89 -9.09
C MET A 93 -11.88 4.08 -9.94
N ASP A 94 -11.00 4.56 -10.83
CA ASP A 94 -11.35 5.64 -11.78
C ASP A 94 -12.44 5.19 -12.76
N ALA A 95 -12.30 3.99 -13.31
CA ALA A 95 -13.31 3.36 -14.18
C ALA A 95 -14.66 3.07 -13.50
N SER A 96 -14.63 2.83 -12.17
CA SER A 96 -15.83 2.61 -11.34
C SER A 96 -16.36 3.86 -10.59
N ALA A 97 -16.06 5.06 -11.10
CA ALA A 97 -16.39 6.31 -10.39
C ALA A 97 -17.89 6.61 -10.32
N LEU A 98 -18.59 6.41 -11.44
CA LEU A 98 -20.05 6.63 -11.54
C LEU A 98 -20.89 5.70 -10.65
N THR A 99 -20.50 4.42 -10.59
CA THR A 99 -21.27 3.34 -9.92
C THR A 99 -20.71 2.85 -8.57
N GLY A 100 -19.39 2.88 -8.41
CA GLY A 100 -18.70 2.33 -7.24
C GLY A 100 -18.34 0.86 -7.43
N ILE A 101 -17.26 0.43 -6.79
CA ILE A 101 -16.89 -0.99 -6.73
C ILE A 101 -17.94 -1.65 -5.80
N PRO A 102 -18.60 -2.75 -6.24
CA PRO A 102 -19.55 -3.44 -5.37
C PRO A 102 -18.94 -3.88 -4.03
N LEU A 103 -19.71 -3.77 -2.95
CA LEU A 103 -19.22 -4.14 -1.61
C LEU A 103 -18.60 -5.55 -1.52
N PRO A 104 -19.22 -6.59 -2.15
CA PRO A 104 -18.56 -7.91 -2.10
C PRO A 104 -17.16 -7.97 -2.70
N LEU A 105 -16.93 -7.21 -3.77
CA LEU A 105 -15.60 -7.09 -4.37
C LEU A 105 -14.61 -6.27 -3.52
N ILE A 106 -15.08 -5.15 -2.93
CA ILE A 106 -14.26 -4.40 -1.95
C ILE A 106 -13.80 -5.35 -0.83
N LYS A 107 -14.76 -6.12 -0.30
CA LYS A 107 -14.49 -7.05 0.79
C LYS A 107 -13.50 -8.16 0.41
N SER A 108 -13.70 -8.75 -0.78
CA SER A 108 -12.75 -9.74 -1.34
C SER A 108 -11.34 -9.18 -1.47
N TYR A 109 -11.24 -7.98 -2.03
CA TYR A 109 -9.94 -7.33 -2.20
C TYR A 109 -9.26 -7.03 -0.87
N LEU A 110 -10.00 -6.43 0.08
CA LEU A 110 -9.44 -6.16 1.41
C LEU A 110 -8.94 -7.45 2.11
N PHE A 111 -9.77 -8.50 2.03
CA PHE A 111 -9.45 -9.82 2.60
C PHE A 111 -8.14 -10.38 2.02
N GLN A 112 -8.02 -10.33 0.70
CA GLN A 112 -6.81 -10.76 0.00
C GLN A 112 -5.58 -9.93 0.36
N LEU A 113 -5.74 -8.61 0.40
CA LEU A 113 -4.62 -7.73 0.76
C LEU A 113 -4.14 -7.95 2.19
N LEU A 114 -5.09 -8.17 3.10
CA LEU A 114 -4.76 -8.52 4.49
C LEU A 114 -3.97 -9.83 4.60
N GLN A 115 -4.29 -10.82 3.76
CA GLN A 115 -3.50 -12.06 3.70
C GLN A 115 -2.08 -11.82 3.23
N GLY A 116 -1.93 -10.97 2.21
CA GLY A 116 -0.61 -10.54 1.74
C GLY A 116 0.22 -9.85 2.81
N LEU A 117 -0.40 -8.87 3.48
CA LEU A 117 0.25 -8.22 4.63
C LEU A 117 0.59 -9.18 5.77
N ALA A 118 -0.35 -10.05 6.15
CA ALA A 118 -0.10 -11.02 7.24
C ALA A 118 1.12 -11.91 6.96
N PHE A 119 1.24 -12.35 5.70
CA PHE A 119 2.40 -13.12 5.26
C PHE A 119 3.70 -12.33 5.42
N CYS A 120 3.77 -11.17 4.77
CA CYS A 120 5.03 -10.37 4.78
C CYS A 120 5.42 -9.92 6.20
N HIS A 121 4.41 -9.50 6.97
CA HIS A 121 4.61 -9.10 8.37
C HIS A 121 5.07 -10.25 9.26
N SER A 122 4.62 -11.49 8.98
CA SER A 122 5.13 -12.68 9.69
C SER A 122 6.64 -12.93 9.47
N HIS A 123 7.17 -12.48 8.34
CA HIS A 123 8.60 -12.50 8.03
C HIS A 123 9.35 -11.17 8.31
N ARG A 124 8.69 -10.27 9.05
CA ARG A 124 9.19 -8.95 9.44
C ARG A 124 9.57 -8.00 8.29
N VAL A 125 8.90 -8.15 7.14
CA VAL A 125 9.10 -7.28 5.98
C VAL A 125 7.92 -6.29 5.94
N LEU A 126 8.23 -4.99 5.86
CA LEU A 126 7.25 -3.93 5.66
C LEU A 126 7.19 -3.55 4.19
N HIS A 127 6.05 -2.99 3.76
CA HIS A 127 5.93 -2.36 2.45
C HIS A 127 6.39 -0.91 2.61
N ARG A 128 5.70 -0.17 3.48
CA ARG A 128 5.96 1.25 3.84
C ARG A 128 5.47 2.35 2.88
N ASP A 129 4.94 1.96 1.72
CA ASP A 129 4.43 2.88 0.70
C ASP A 129 3.28 2.24 -0.09
N LEU A 130 2.32 1.68 0.65
CA LEU A 130 1.10 1.18 0.04
C LEU A 130 0.27 2.34 -0.50
N LYS A 131 -0.32 2.11 -1.66
CA LYS A 131 -1.16 3.06 -2.38
C LYS A 131 -1.86 2.31 -3.52
N PRO A 132 -2.97 2.85 -4.08
CA PRO A 132 -3.71 2.12 -5.12
C PRO A 132 -2.87 1.67 -6.35
N GLN A 133 -1.88 2.47 -6.73
CA GLN A 133 -0.97 2.12 -7.85
C GLN A 133 -0.14 0.86 -7.59
N ASN A 134 0.14 0.55 -6.32
CA ASN A 134 0.85 -0.68 -5.89
C ASN A 134 -0.05 -1.91 -5.66
N LEU A 135 -1.34 -1.82 -6.00
CA LEU A 135 -2.28 -2.92 -5.85
C LEU A 135 -2.70 -3.31 -7.26
N LEU A 136 -2.33 -4.51 -7.68
CA LEU A 136 -2.51 -4.96 -9.07
C LEU A 136 -3.54 -6.09 -9.12
N ILE A 137 -4.41 -6.03 -10.13
CA ILE A 137 -5.54 -6.95 -10.27
C ILE A 137 -5.47 -7.76 -11.57
N ASN A 138 -6.11 -8.93 -11.56
CA ASN A 138 -6.36 -9.71 -12.80
C ASN A 138 -7.87 -9.83 -13.08
N THR A 139 -8.23 -10.45 -14.21
CA THR A 139 -9.64 -10.63 -14.59
C THR A 139 -10.38 -11.72 -13.80
N GLU A 140 -9.66 -12.57 -13.07
CA GLU A 140 -10.23 -13.67 -12.25
C GLU A 140 -10.88 -13.20 -10.93
N GLY A 141 -10.39 -12.09 -10.38
CA GLY A 141 -10.76 -11.64 -9.03
C GLY A 141 -9.64 -11.54 -8.01
N ALA A 142 -8.40 -11.84 -8.40
CA ALA A 142 -7.24 -11.71 -7.52
C ALA A 142 -6.76 -10.27 -7.46
N ILE A 143 -6.18 -9.91 -6.32
CA ILE A 143 -5.46 -8.64 -6.14
C ILE A 143 -4.14 -8.95 -5.44
N LYS A 144 -3.08 -8.25 -5.83
CA LYS A 144 -1.72 -8.51 -5.32
C LYS A 144 -0.98 -7.21 -5.01
N LEU A 145 -0.11 -7.27 -3.99
CA LEU A 145 0.70 -6.11 -3.57
C LEU A 145 2.01 -6.10 -4.38
N ALA A 146 2.26 -4.98 -5.07
CA ALA A 146 3.53 -4.72 -5.79
C ALA A 146 4.48 -3.86 -4.95
N ASP A 147 5.78 -3.91 -5.27
CA ASP A 147 6.84 -3.13 -4.61
C ASP A 147 7.11 -3.46 -3.13
N PHE A 148 6.69 -4.64 -2.67
CA PHE A 148 6.87 -5.03 -1.27
C PHE A 148 8.37 -5.22 -0.99
N GLY A 149 8.87 -4.58 0.07
CA GLY A 149 10.28 -4.66 0.48
C GLY A 149 11.28 -3.68 -0.13
N LEU A 150 10.88 -2.96 -1.19
CA LEU A 150 11.78 -2.01 -1.87
C LEU A 150 12.13 -0.79 -1.01
N ALA A 151 11.22 -0.35 -0.15
CA ALA A 151 11.47 0.77 0.77
C ALA A 151 12.60 0.51 1.78
N ARG A 152 12.72 -0.71 2.31
CA ARG A 152 13.84 -1.06 3.19
C ARG A 152 15.19 -1.03 2.45
N ALA A 153 15.19 -1.46 1.19
CA ALA A 153 16.38 -1.45 0.35
C ALA A 153 16.84 -0.03 -0.02
N PHE A 154 15.92 0.80 -0.51
CA PHE A 154 16.24 2.12 -1.09
C PHE A 154 15.81 3.36 -0.31
N GLY A 155 14.93 3.19 0.68
CA GLY A 155 14.22 4.33 1.30
C GLY A 155 13.05 4.78 0.45
N VAL A 156 12.21 5.63 1.04
CA VAL A 156 11.09 6.28 0.37
C VAL A 156 11.51 7.73 0.15
N PRO A 157 11.76 8.14 -1.12
CA PRO A 157 12.18 9.50 -1.38
C PRO A 157 11.01 10.50 -1.40
N VAL A 158 11.35 11.79 -1.37
CA VAL A 158 10.36 12.87 -1.47
C VAL A 158 9.78 12.90 -2.88
N ARG A 159 10.66 12.78 -3.89
CA ARG A 159 10.28 12.71 -5.30
C ARG A 159 10.77 11.42 -5.94
N THR A 160 10.08 10.97 -6.98
CA THR A 160 10.49 9.78 -7.76
C THR A 160 11.70 10.10 -8.67
N TYR A 161 12.21 9.07 -9.35
CA TYR A 161 13.26 9.23 -10.38
C TYR A 161 12.92 10.20 -11.55
N THR A 162 11.62 10.45 -11.79
CA THR A 162 11.12 11.45 -12.77
C THR A 162 10.70 12.80 -12.13
N HIS A 163 11.06 13.01 -10.86
CA HIS A 163 10.69 14.20 -10.07
C HIS A 163 9.22 14.30 -9.65
N GLU A 164 8.44 13.23 -9.82
CA GLU A 164 7.02 13.22 -9.43
C GLU A 164 6.95 13.18 -7.91
N VAL A 165 5.95 13.84 -7.33
CA VAL A 165 5.75 13.87 -5.88
C VAL A 165 5.29 12.48 -5.43
N VAL A 166 6.01 11.92 -4.45
CA VAL A 166 5.59 10.66 -3.80
C VAL A 166 4.42 11.02 -2.86
N THR A 167 3.26 10.40 -3.09
CA THR A 167 2.05 10.75 -2.36
C THR A 167 2.20 10.54 -0.84
N LEU A 168 1.62 11.46 -0.08
CA LEU A 168 1.52 11.38 1.37
C LEU A 168 0.19 10.85 1.87
N TRP A 169 -0.75 10.58 0.96
CA TRP A 169 -2.15 10.34 1.32
C TRP A 169 -2.36 9.13 2.23
N TYR A 170 -1.49 8.13 2.09
CA TYR A 170 -1.58 6.85 2.79
C TYR A 170 -0.55 6.71 3.92
N ARG A 171 0.14 7.80 4.26
CA ARG A 171 1.23 7.75 5.22
C ARG A 171 0.71 7.79 6.66
N ALA A 172 1.18 6.85 7.48
CA ALA A 172 0.82 6.75 8.89
C ALA A 172 1.28 7.97 9.71
N PRO A 173 0.51 8.35 10.75
CA PRO A 173 0.85 9.56 11.50
C PRO A 173 2.17 9.46 12.25
N GLU A 174 2.57 8.27 12.70
CA GLU A 174 3.89 8.09 13.34
C GLU A 174 5.07 8.45 12.41
N ILE A 175 4.92 8.19 11.11
CA ILE A 175 5.94 8.55 10.11
C ILE A 175 5.95 10.07 9.97
N LEU A 176 4.78 10.67 9.84
CA LEU A 176 4.64 12.14 9.75
C LEU A 176 5.16 12.90 10.98
N LEU A 177 5.03 12.29 12.16
CA LEU A 177 5.52 12.88 13.42
C LEU A 177 6.99 12.57 13.74
N GLY A 178 7.66 11.85 12.84
CA GLY A 178 9.12 11.75 12.81
C GLY A 178 9.69 10.53 13.49
N CYS A 179 8.87 9.49 13.73
CA CYS A 179 9.37 8.22 14.26
C CYS A 179 10.29 7.58 13.21
N LYS A 180 11.50 7.24 13.63
CA LYS A 180 12.53 6.66 12.74
C LYS A 180 12.36 5.15 12.56
N TYR A 181 11.68 4.50 13.50
CA TYR A 181 11.58 3.04 13.57
C TYR A 181 10.13 2.63 13.28
N TYR A 182 9.90 2.16 12.05
CA TYR A 182 8.55 1.87 11.54
C TYR A 182 8.18 0.46 11.97
N SER A 183 6.97 0.27 12.49
CA SER A 183 6.42 -1.09 12.71
C SER A 183 5.53 -1.50 11.54
N THR A 184 5.14 -2.76 11.54
CA THR A 184 4.17 -3.32 10.56
C THR A 184 2.83 -2.57 10.51
N ALA A 185 2.45 -1.94 11.62
CA ALA A 185 1.27 -1.07 11.69
C ALA A 185 1.20 0.03 10.63
N VAL A 186 2.34 0.49 10.10
CA VAL A 186 2.29 1.55 9.06
C VAL A 186 1.53 1.08 7.81
N ASP A 187 1.65 -0.20 7.47
CA ASP A 187 0.92 -0.79 6.34
C ASP A 187 -0.58 -0.97 6.59
N ILE A 188 -0.97 -1.26 7.84
CA ILE A 188 -2.38 -1.34 8.21
C ILE A 188 -3.06 0.01 8.06
N TRP A 189 -2.39 1.07 8.52
CA TRP A 189 -2.87 2.44 8.31
C TRP A 189 -3.13 2.71 6.82
N SER A 190 -2.13 2.46 5.98
CA SER A 190 -2.26 2.72 4.54
C SER A 190 -3.43 1.95 3.93
N LEU A 191 -3.55 0.67 4.28
CA LEU A 191 -4.62 -0.17 3.77
C LEU A 191 -6.00 0.31 4.24
N GLY A 192 -6.10 0.80 5.49
CA GLY A 192 -7.32 1.43 6.00
C GLY A 192 -7.74 2.63 5.16
N CYS A 193 -6.77 3.48 4.83
CA CYS A 193 -7.05 4.64 3.97
C CYS A 193 -7.56 4.21 2.58
N ILE A 194 -6.97 3.15 2.04
CA ILE A 194 -7.37 2.59 0.73
C ILE A 194 -8.79 1.99 0.79
N PHE A 195 -9.09 1.26 1.87
CA PHE A 195 -10.43 0.71 2.15
C PHE A 195 -11.49 1.82 2.14
N ALA A 196 -11.23 2.91 2.87
CA ALA A 196 -12.15 4.06 2.90
C ALA A 196 -12.37 4.68 1.51
N GLU A 197 -11.31 4.75 0.72
CA GLU A 197 -11.36 5.30 -0.64
C GLU A 197 -12.16 4.44 -1.62
N MET A 198 -11.98 3.12 -1.54
CA MET A 198 -12.83 2.19 -2.31
C MET A 198 -14.33 2.36 -2.00
N VAL A 199 -14.66 2.54 -0.73
CA VAL A 199 -16.06 2.65 -0.29
C VAL A 199 -16.69 3.98 -0.72
N THR A 200 -16.00 5.09 -0.46
CA THR A 200 -16.55 6.44 -0.71
C THR A 200 -16.30 7.01 -2.10
N ARG A 201 -15.37 6.42 -2.86
CA ARG A 201 -14.93 6.91 -4.18
C ARG A 201 -14.24 8.29 -4.11
N ARG A 202 -13.54 8.53 -3.00
N ARG A 202 -13.54 8.52 -3.00
CA ARG A 202 -12.78 9.76 -2.79
CA ARG A 202 -12.81 9.76 -2.75
C ARG A 202 -11.71 9.45 -1.77
C ARG A 202 -11.71 9.46 -1.76
N ALA A 203 -10.52 10.04 -1.96
CA ALA A 203 -9.39 9.86 -1.02
C ALA A 203 -9.76 10.35 0.39
N LEU A 204 -9.37 9.59 1.40
CA LEU A 204 -9.73 9.90 2.78
C LEU A 204 -9.01 11.16 3.27
N PHE A 205 -7.69 11.18 3.09
CA PHE A 205 -6.80 12.24 3.57
C PHE A 205 -5.89 12.69 2.41
N PRO A 206 -6.43 13.45 1.44
CA PRO A 206 -5.60 13.87 0.29
C PRO A 206 -4.67 15.08 0.57
N GLY A 207 -3.67 14.89 1.45
CA GLY A 207 -2.78 16.00 1.85
C GLY A 207 -1.78 16.35 0.75
N ASP A 208 -1.39 17.61 0.70
CA ASP A 208 -0.43 18.09 -0.31
C ASP A 208 0.89 18.64 0.29
N SER A 209 1.11 18.35 1.57
CA SER A 209 2.34 18.61 2.30
C SER A 209 2.27 17.80 3.59
N GLU A 210 3.39 17.69 4.31
CA GLU A 210 3.39 16.90 5.55
C GLU A 210 2.42 17.46 6.60
N ILE A 211 2.42 18.78 6.78
CA ILE A 211 1.52 19.40 7.75
C ILE A 211 0.05 19.36 7.31
N ASP A 212 -0.21 19.53 6.01
CA ASP A 212 -1.56 19.39 5.47
C ASP A 212 -2.08 17.95 5.68
N GLN A 213 -1.21 16.97 5.44
CA GLN A 213 -1.55 15.55 5.68
C GLN A 213 -1.89 15.30 7.15
N LEU A 214 -1.02 15.74 8.05
CA LEU A 214 -1.28 15.63 9.51
C LEU A 214 -2.57 16.30 9.96
N PHE A 215 -2.77 17.56 9.56
CA PHE A 215 -4.00 18.28 9.93
C PHE A 215 -5.29 17.69 9.35
N ARG A 216 -5.22 17.13 8.14
CA ARG A 216 -6.37 16.38 7.58
C ARG A 216 -6.73 15.18 8.44
N ILE A 217 -5.71 14.44 8.87
CA ILE A 217 -5.89 13.31 9.78
C ILE A 217 -6.52 13.79 11.11
N PHE A 218 -5.97 14.86 11.67
CA PHE A 218 -6.46 15.42 12.94
C PHE A 218 -7.90 15.92 12.87
N ARG A 219 -8.27 16.57 11.76
CA ARG A 219 -9.63 17.11 11.57
C ARG A 219 -10.73 16.02 11.54
N THR A 220 -10.37 14.80 11.14
CA THR A 220 -11.29 13.66 11.09
C THR A 220 -11.26 12.81 12.36
N LEU A 221 -10.05 12.42 12.77
CA LEU A 221 -9.86 11.50 13.91
C LEU A 221 -9.63 12.17 15.28
N GLY A 222 -9.55 13.50 15.29
CA GLY A 222 -9.23 14.28 16.49
C GLY A 222 -7.74 14.47 16.59
N THR A 223 -7.31 15.61 17.15
CA THR A 223 -5.88 15.82 17.39
C THR A 223 -5.44 14.84 18.49
N PRO A 224 -4.39 14.01 18.21
CA PRO A 224 -3.99 13.02 19.20
C PRO A 224 -3.34 13.65 20.42
N ASP A 225 -3.57 13.03 21.57
CA ASP A 225 -3.03 13.45 22.86
C ASP A 225 -2.55 12.21 23.63
N GLU A 226 -2.04 12.44 24.84
CA GLU A 226 -1.53 11.36 25.69
C GLU A 226 -2.58 10.31 26.13
N VAL A 227 -3.87 10.67 26.13
CA VAL A 227 -4.97 9.74 26.46
C VAL A 227 -5.06 8.60 25.44
N VAL A 228 -5.16 8.97 24.16
CA VAL A 228 -5.28 7.99 23.05
C VAL A 228 -3.96 7.41 22.56
N TRP A 229 -2.85 8.14 22.73
CA TRP A 229 -1.54 7.75 22.19
C TRP A 229 -0.41 8.13 23.17
N PRO A 230 -0.09 7.23 24.13
CA PRO A 230 1.00 7.51 25.07
C PRO A 230 2.34 7.74 24.37
N GLY A 231 3.02 8.82 24.76
CA GLY A 231 4.24 9.27 24.13
C GLY A 231 4.14 10.21 22.94
N VAL A 232 2.93 10.48 22.43
CA VAL A 232 2.76 11.29 21.20
C VAL A 232 3.33 12.70 21.31
N THR A 233 3.17 13.30 22.50
CA THR A 233 3.63 14.67 22.74
C THR A 233 5.17 14.81 22.84
N SER A 234 5.87 13.69 23.01
CA SER A 234 7.35 13.61 22.92
C SER A 234 7.96 13.25 21.56
N MET A 235 7.13 13.04 20.53
N MET A 235 7.13 13.04 20.53
CA MET A 235 7.64 12.63 19.23
CA MET A 235 7.60 12.65 19.21
C MET A 235 8.34 13.80 18.53
C MET A 235 8.36 13.80 18.55
N PRO A 236 9.38 13.51 17.72
CA PRO A 236 10.29 14.55 17.14
C PRO A 236 9.65 15.77 16.49
N ASP A 237 8.63 15.53 15.66
CA ASP A 237 7.92 16.59 14.94
C ASP A 237 6.55 16.97 15.53
N TYR A 238 6.26 16.50 16.75
CA TYR A 238 5.11 16.98 17.50
C TYR A 238 5.38 18.41 18.00
N LYS A 239 4.39 19.28 17.85
CA LYS A 239 4.42 20.66 18.37
C LYS A 239 3.18 20.86 19.25
N PRO A 240 3.35 21.36 20.51
CA PRO A 240 2.18 21.74 21.33
C PRO A 240 1.21 22.76 20.72
N SER A 241 1.70 23.55 19.76
CA SER A 241 0.90 24.48 18.98
C SER A 241 -0.04 23.89 17.91
N PHE A 242 -0.04 22.57 17.70
CA PHE A 242 -1.04 21.92 16.84
C PHE A 242 -2.47 22.29 17.31
N PRO A 243 -3.35 22.75 16.38
CA PRO A 243 -4.75 22.96 16.79
C PRO A 243 -5.41 21.67 17.30
N LYS A 244 -6.34 21.83 18.24
CA LYS A 244 -7.01 20.71 18.92
C LYS A 244 -8.40 20.54 18.32
N TRP A 245 -8.49 19.70 17.29
CA TRP A 245 -9.75 19.35 16.64
C TRP A 245 -10.40 18.16 17.34
N ALA A 246 -11.74 18.17 17.37
CA ALA A 246 -12.54 17.07 17.90
C ALA A 246 -12.67 15.94 16.88
N ARG A 247 -12.82 14.72 17.38
CA ARG A 247 -13.02 13.53 16.54
C ARG A 247 -14.43 13.52 15.90
N GLN A 248 -14.50 13.07 14.65
CA GLN A 248 -15.78 12.91 13.92
C GLN A 248 -16.28 11.47 14.03
N ASP A 249 -17.61 11.29 13.92
CA ASP A 249 -18.23 9.96 13.89
C ASP A 249 -17.92 9.26 12.56
N PHE A 250 -17.57 7.97 12.62
CA PHE A 250 -17.30 7.17 11.40
C PHE A 250 -18.49 6.99 10.44
N SER A 251 -19.70 7.10 10.98
CA SER A 251 -20.92 7.19 10.19
C SER A 251 -20.90 8.33 9.16
N LYS A 252 -20.25 9.46 9.50
CA LYS A 252 -20.02 10.59 8.60
C LYS A 252 -18.87 10.39 7.58
N VAL A 253 -17.81 9.70 8.01
N VAL A 253 -17.80 9.70 7.99
CA VAL A 253 -16.59 9.53 7.22
CA VAL A 253 -16.59 9.59 7.16
C VAL A 253 -16.73 8.56 6.05
C VAL A 253 -16.67 8.54 6.04
N VAL A 254 -17.31 7.39 6.31
CA VAL A 254 -17.47 6.31 5.28
C VAL A 254 -18.91 5.77 5.08
N PRO A 255 -19.89 6.67 4.88
CA PRO A 255 -21.22 6.17 4.53
C PRO A 255 -21.23 5.63 3.08
N PRO A 256 -22.02 4.58 2.76
CA PRO A 256 -22.99 3.89 3.62
C PRO A 256 -22.45 2.55 4.17
N LEU A 257 -21.19 2.52 4.60
CA LEU A 257 -20.55 1.28 5.05
C LEU A 257 -21.20 0.81 6.36
N ASP A 258 -21.43 -0.50 6.46
CA ASP A 258 -22.07 -1.11 7.64
C ASP A 258 -21.19 -1.05 8.90
N GLU A 259 -21.79 -1.34 10.06
CA GLU A 259 -21.09 -1.30 11.35
C GLU A 259 -19.88 -2.25 11.46
N ASP A 260 -19.94 -3.44 10.86
CA ASP A 260 -18.76 -4.34 10.81
C ASP A 260 -17.59 -3.67 10.06
N GLY A 261 -17.89 -3.09 8.89
CA GLY A 261 -16.90 -2.33 8.12
C GLY A 261 -16.33 -1.12 8.84
N ARG A 262 -17.21 -0.35 9.50
CA ARG A 262 -16.79 0.83 10.28
C ARG A 262 -15.94 0.44 11.49
N SER A 263 -16.33 -0.64 12.17
CA SER A 263 -15.55 -1.22 13.29
C SER A 263 -14.14 -1.57 12.84
N LEU A 264 -14.04 -2.32 11.75
CA LEU A 264 -12.74 -2.72 11.21
C LEU A 264 -11.89 -1.52 10.82
N LEU A 265 -12.48 -0.59 10.07
CA LEU A 265 -11.77 0.62 9.63
C LEU A 265 -11.25 1.46 10.78
N SER A 266 -12.09 1.65 11.81
N SER A 266 -12.09 1.66 11.80
CA SER A 266 -11.70 2.39 13.03
CA SER A 266 -11.71 2.37 13.03
C SER A 266 -10.50 1.77 13.74
C SER A 266 -10.48 1.76 13.72
N GLN A 267 -10.45 0.43 13.80
CA GLN A 267 -9.31 -0.30 14.37
C GLN A 267 -8.03 -0.26 13.49
N MET A 268 -8.20 -0.17 12.18
CA MET A 268 -7.07 0.06 11.26
C MET A 268 -6.48 1.47 11.30
N LEU A 269 -7.27 2.44 11.77
CA LEU A 269 -6.85 3.85 11.90
C LEU A 269 -6.66 4.32 13.35
N HIS A 270 -6.38 3.40 14.28
CA HIS A 270 -5.99 3.81 15.65
C HIS A 270 -4.68 4.59 15.55
N TYR A 271 -4.60 5.69 16.31
CA TYR A 271 -3.39 6.51 16.34
C TYR A 271 -2.18 5.74 16.82
N ASP A 272 -2.33 5.10 17.97
CA ASP A 272 -1.24 4.36 18.60
C ASP A 272 -0.94 3.09 17.77
N PRO A 273 0.27 2.98 17.17
CA PRO A 273 0.62 1.74 16.42
C PRO A 273 0.47 0.44 17.22
N ASN A 274 0.71 0.50 18.53
CA ASN A 274 0.50 -0.65 19.42
C ASN A 274 -0.94 -1.09 19.61
N LYS A 275 -1.88 -0.16 19.45
CA LYS A 275 -3.33 -0.43 19.51
C LYS A 275 -3.94 -0.78 18.15
N ARG A 276 -3.29 -0.37 17.05
CA ARG A 276 -3.81 -0.60 15.69
C ARG A 276 -3.90 -2.10 15.40
N ILE A 277 -4.99 -2.52 14.77
CA ILE A 277 -5.24 -3.96 14.54
C ILE A 277 -4.13 -4.54 13.64
N SER A 278 -3.71 -5.76 13.94
CA SER A 278 -2.76 -6.47 13.07
C SER A 278 -3.48 -7.04 11.85
N ALA A 279 -2.71 -7.39 10.83
CA ALA A 279 -3.27 -8.03 9.62
C ALA A 279 -3.92 -9.37 9.98
N LYS A 280 -3.24 -10.18 10.79
CA LYS A 280 -3.80 -11.44 11.31
C LYS A 280 -5.15 -11.30 12.01
N ALA A 281 -5.21 -10.35 12.94
CA ALA A 281 -6.43 -10.06 13.71
C ALA A 281 -7.55 -9.52 12.82
N ALA A 282 -7.19 -8.69 11.85
CA ALA A 282 -8.14 -8.16 10.86
C ALA A 282 -8.80 -9.26 10.04
N LEU A 283 -8.05 -10.30 9.67
CA LEU A 283 -8.62 -11.46 8.93
C LEU A 283 -9.73 -12.22 9.68
N ALA A 284 -9.63 -12.26 11.01
CA ALA A 284 -10.66 -12.83 11.90
C ALA A 284 -11.86 -11.91 12.21
N HIS A 285 -11.83 -10.66 11.72
CA HIS A 285 -12.89 -9.69 12.01
C HIS A 285 -14.25 -10.13 11.38
N PRO A 286 -15.39 -9.93 12.11
CA PRO A 286 -16.72 -10.35 11.58
C PRO A 286 -17.16 -9.81 10.19
N PHE A 287 -16.68 -8.62 9.82
CA PHE A 287 -16.72 -8.09 8.44
C PHE A 287 -16.45 -9.12 7.33
N PHE A 288 -15.53 -10.06 7.59
CA PHE A 288 -15.19 -11.11 6.62
C PHE A 288 -15.97 -12.44 6.70
N GLN A 289 -17.00 -12.51 7.53
N GLN A 289 -17.00 -12.50 7.54
CA GLN A 289 -17.80 -13.73 7.73
CA GLN A 289 -17.82 -13.72 7.74
C GLN A 289 -18.50 -14.22 6.45
C GLN A 289 -18.50 -14.22 6.46
N ASP A 290 -19.01 -13.28 5.66
CA ASP A 290 -19.68 -13.57 4.36
C ASP A 290 -18.81 -13.26 3.12
N VAL A 291 -17.48 -13.29 3.27
CA VAL A 291 -16.57 -12.94 2.16
C VAL A 291 -16.65 -14.01 1.06
N THR A 292 -16.61 -13.53 -0.19
CA THR A 292 -16.63 -14.33 -1.42
C THR A 292 -15.51 -13.84 -2.35
N LYS A 293 -15.38 -14.46 -3.52
CA LYS A 293 -14.43 -14.02 -4.57
C LYS A 293 -15.17 -13.73 -5.89
N PRO A 294 -15.78 -12.52 -6.01
CA PRO A 294 -16.43 -12.17 -7.29
C PRO A 294 -15.46 -11.90 -8.43
N VAL A 295 -15.94 -12.06 -9.67
N VAL A 295 -15.96 -12.03 -9.66
CA VAL A 295 -15.16 -11.70 -10.87
CA VAL A 295 -15.24 -11.68 -10.88
C VAL A 295 -15.49 -10.24 -11.24
C VAL A 295 -15.51 -10.20 -11.19
N PRO A 296 -14.46 -9.37 -11.34
CA PRO A 296 -14.68 -7.92 -11.60
C PRO A 296 -15.04 -7.59 -13.05
N HIS A 297 -15.67 -6.42 -13.24
CA HIS A 297 -15.97 -5.85 -14.57
C HIS A 297 -14.82 -4.96 -15.07
N LEU A 298 -13.89 -5.56 -15.82
CA LEU A 298 -12.72 -4.87 -16.39
C LEU A 298 -12.84 -4.77 -17.91
C4 65L B . -1.92 2.13 -18.31
C5 65L B . -1.16 1.02 -18.28
C8 65L B . -1.05 -0.92 -16.73
C10 65L B . -0.02 -3.07 -17.08
C10 65L B . -0.44 -2.29 -14.84
N12 65L B . 0.55 -4.48 -15.24
C13 65L B . 1.59 -4.59 -14.32
C15 65L B . 3.31 -3.72 -12.84
C17 65L B . 4.90 -2.90 -11.38
C20 65L B . 3.74 -0.78 -9.63
C21 65L B . 3.33 0.58 -9.08
C24 65L B . 6.10 0.10 -9.81
C26 65L B . 4.68 -5.29 -11.54
C28 65L B . 2.93 -6.10 -13.10
O1 65L B . -3.16 4.35 -16.67
C2 65L B . -3.80 3.08 -16.76
C3 65L B . -2.78 2.09 -17.20
N6 65L B . -1.56 0.29 -17.21
N7 65L B . -2.56 1.01 -16.56
C9 65L B . -0.53 -1.88 -17.60
C9 65L B . -0.95 -1.12 -15.35
C11 65L B . 0.00 -3.28 -15.71
C14 65L B . 2.31 -3.51 -13.76
N16 65L B . 3.96 -2.69 -12.28
O18 65L B . 5.57 -1.87 -10.81
C19 65L B . 4.97 -0.62 -10.54
N22 65L B . 4.45 1.23 -8.41
C23 65L B . 5.63 1.42 -9.27
C25 65L B . 5.30 -4.20 -10.99
C27 65L B . 3.65 -5.07 -12.49
N29 65L B . 1.96 -5.83 -13.97
C30 65L B . -0.52 -2.32 -14.85
C30 65L B . -0.11 -3.05 -17.08
F31 65L B . -0.53 -2.48 -13.53
F31 65L B . 0.28 -3.97 -17.95
C32 65L B . -1.03 -1.15 -15.36
C32 65L B . -0.62 -1.90 -17.60
#